data_2O98
#
_entry.id   2O98
#
_cell.length_a   114.370
_cell.length_b   114.370
_cell.length_c   236.790
_cell.angle_alpha   90.000
_cell.angle_beta   90.000
_cell.angle_gamma   90.000
#
_symmetry.space_group_name_H-M   'I 41 2 2'
#
loop_
_entity.id
_entity.type
_entity.pdbx_description
1 polymer '14-3-3-like protein C'
2 polymer 'Plasma membrane H+ ATPase'
3 non-polymer 'SULFATE ION'
4 non-polymer FUSICOCCIN
5 water water
#
loop_
_entity_poly.entity_id
_entity_poly.type
_entity_poly.pdbx_seq_one_letter_code
_entity_poly.pdbx_strand_id
1 'polypeptide(L)'
;MAVAPTAREENVYMAKLAEQAERYEEMVEFMEKVSNSLGSEELTVEERNLLSVAYKNVIGARRASWRIISSIEQKEESRG
NEEHVNSIREYRSKIENELSKICDGILKLLDAKLIPSAASGDSKVFYLKMKGDYHRYLAEFKTGAERKEAAESTLTAYKA
AQDIATTELAPTHPIRLGLALNFSVFYYEILNSPDRACNLAKQAFDEAIAELDTLGEESYKDSTLIMQLLRDNLTLWTSD
MQ
;
A,B
2 'polypeptide(L)' TNFNELNQLAEEAKRRAEIARQRELHTLKGHVESVVKLKGLDIETIQQSYDI P,Q
#
loop_
_chem_comp.id
_chem_comp.type
_chem_comp.name
_chem_comp.formula
FSC non-polymer FUSICOCCIN 'C36 H56 O12'
SO4 non-polymer 'SULFATE ION' 'O4 S -2'
#
# COMPACT_ATOMS: atom_id res chain seq x y z
N ALA A 2 0.08 -37.71 -1.20
CA ALA A 2 0.72 -36.50 -1.77
C ALA A 2 2.16 -36.42 -1.31
N VAL A 3 3.07 -36.28 -2.27
CA VAL A 3 4.46 -36.11 -1.91
C VAL A 3 4.63 -34.72 -1.33
N ALA A 4 5.11 -34.69 -0.09
CA ALA A 4 5.31 -33.42 0.64
C ALA A 4 6.34 -32.57 -0.08
N PRO A 5 6.00 -31.32 -0.36
CA PRO A 5 7.05 -30.44 -0.85
C PRO A 5 8.16 -30.26 0.19
N THR A 6 9.38 -30.34 -0.28
CA THR A 6 10.56 -29.88 0.42
C THR A 6 10.40 -28.46 0.91
N ALA A 7 11.11 -28.14 1.99
CA ALA A 7 11.11 -26.77 2.52
C ALA A 7 11.46 -25.74 1.46
N ARG A 8 12.43 -26.04 0.59
CA ARG A 8 12.88 -25.07 -0.40
C ARG A 8 11.76 -24.69 -1.34
N GLU A 9 11.12 -25.70 -1.92
CA GLU A 9 10.14 -25.43 -2.94
C GLU A 9 8.86 -24.85 -2.36
N GLU A 10 8.43 -25.24 -1.18
CA GLU A 10 7.23 -24.61 -0.69
C GLU A 10 7.42 -23.12 -0.34
N ASN A 11 8.59 -22.80 0.22
CA ASN A 11 8.77 -21.47 0.70
C ASN A 11 9.11 -20.49 -0.45
N VAL A 12 9.73 -20.96 -1.53
CA VAL A 12 9.90 -20.11 -2.73
C VAL A 12 8.50 -19.79 -3.27
N TYR A 13 7.65 -20.80 -3.39
CA TYR A 13 6.33 -20.53 -3.87
C TYR A 13 5.55 -19.61 -2.94
N MET A 14 5.76 -19.72 -1.62
CA MET A 14 4.94 -18.94 -0.70
C MET A 14 5.42 -17.52 -0.76
N ALA A 15 6.71 -17.33 -0.96
CA ALA A 15 7.22 -15.99 -1.17
C ALA A 15 6.51 -15.32 -2.38
N LYS A 16 6.26 -16.09 -3.43
CA LYS A 16 5.65 -15.51 -4.63
C LYS A 16 4.19 -15.16 -4.40
N LEU A 17 3.51 -15.94 -3.55
CA LEU A 17 2.14 -15.63 -3.13
C LEU A 17 2.12 -14.37 -2.28
N ALA A 18 3.08 -14.28 -1.37
CA ALA A 18 3.14 -13.22 -0.39
C ALA A 18 3.32 -11.91 -1.12
N GLU A 19 4.17 -11.91 -2.14
CA GLU A 19 4.51 -10.72 -2.93
C GLU A 19 3.29 -10.25 -3.65
N GLN A 20 2.61 -11.16 -4.32
CA GLN A 20 1.41 -10.76 -5.03
C GLN A 20 0.38 -10.23 -4.03
N ALA A 21 0.43 -10.71 -2.79
CA ALA A 21 -0.61 -10.43 -1.85
C ALA A 21 -0.26 -9.22 -0.99
N GLU A 22 0.89 -8.63 -1.23
CA GLU A 22 1.35 -7.51 -0.46
C GLU A 22 1.64 -7.87 0.99
N ARG A 23 1.89 -9.15 1.24
CA ARG A 23 2.30 -9.54 2.58
C ARG A 23 3.85 -9.70 2.68
N TYR A 24 4.52 -8.54 2.73
CA TYR A 24 5.97 -8.46 2.54
C TYR A 24 6.81 -8.88 3.75
N GLU A 25 6.28 -8.74 4.96
CA GLU A 25 7.00 -9.26 6.14
C GLU A 25 7.03 -10.78 6.15
N GLU A 26 5.92 -11.38 5.75
CA GLU A 26 5.87 -12.80 5.50
C GLU A 26 6.78 -13.24 4.37
N MET A 27 6.89 -12.40 3.34
CA MET A 27 7.73 -12.72 2.21
C MET A 27 9.17 -12.88 2.69
N VAL A 28 9.61 -11.98 3.57
CA VAL A 28 10.90 -12.09 4.19
C VAL A 28 10.99 -13.37 5.01
N GLU A 29 9.93 -13.68 5.77
CA GLU A 29 9.96 -14.89 6.59
C GLU A 29 10.18 -16.10 5.68
N PHE A 30 9.53 -16.10 4.54
CA PHE A 30 9.57 -17.23 3.65
C PHE A 30 10.91 -17.33 3.00
N MET A 31 11.47 -16.19 2.65
CA MET A 31 12.73 -16.23 1.93
C MET A 31 13.86 -16.60 2.87
N GLU A 32 13.73 -16.19 4.13
CA GLU A 32 14.68 -16.62 5.15
C GLU A 32 14.57 -18.14 5.34
N LYS A 33 13.37 -18.69 5.31
CA LYS A 33 13.28 -20.15 5.35
C LYS A 33 13.95 -20.82 4.14
N VAL A 34 13.88 -20.17 2.97
CA VAL A 34 14.54 -20.70 1.79
C VAL A 34 16.03 -20.60 2.00
N SER A 35 16.45 -19.47 2.58
CA SER A 35 17.86 -19.35 2.81
C SER A 35 18.38 -20.44 3.77
N ASN A 36 17.60 -20.79 4.80
CA ASN A 36 18.08 -21.79 5.74
C ASN A 36 18.20 -23.17 5.09
N SER A 37 17.34 -23.50 4.11
CA SER A 37 17.40 -24.81 3.46
C SER A 37 18.60 -24.93 2.53
N LEU A 38 19.37 -23.86 2.36
CA LEU A 38 20.52 -23.89 1.48
C LEU A 38 21.87 -23.78 2.16
N GLY A 39 21.86 -23.62 3.49
CA GLY A 39 23.08 -23.31 4.24
C GLY A 39 23.79 -22.13 3.62
N SER A 40 25.04 -22.33 3.19
CA SER A 40 25.77 -21.32 2.42
C SER A 40 25.97 -21.71 0.92
N GLU A 41 25.09 -22.54 0.39
CA GLU A 41 25.04 -22.75 -1.05
C GLU A 41 24.30 -21.57 -1.72
N GLU A 42 24.66 -21.30 -2.97
CA GLU A 42 24.04 -20.21 -3.74
C GLU A 42 22.54 -20.32 -3.96
N LEU A 43 21.84 -19.21 -3.75
CA LEU A 43 20.48 -19.08 -4.27
C LEU A 43 20.55 -18.94 -5.80
N THR A 44 19.50 -19.43 -6.47
CA THR A 44 19.28 -19.15 -7.87
C THR A 44 19.03 -17.66 -8.08
N VAL A 45 19.03 -17.26 -9.36
CA VAL A 45 18.61 -15.88 -9.74
C VAL A 45 17.22 -15.53 -9.20
N GLU A 46 16.27 -16.41 -9.46
CA GLU A 46 14.92 -16.21 -8.95
C GLU A 46 14.86 -16.14 -7.42
N GLU A 47 15.56 -17.03 -6.72
CA GLU A 47 15.58 -17.00 -5.24
C GLU A 47 16.19 -15.73 -4.68
N ARG A 48 17.31 -15.28 -5.27
CA ARG A 48 17.93 -14.08 -4.70
C ARG A 48 17.13 -12.83 -5.03
N ASN A 49 16.53 -12.79 -6.22
CA ASN A 49 15.68 -11.68 -6.59
C ASN A 49 14.49 -11.61 -5.64
N LEU A 50 13.87 -12.77 -5.33
CA LEU A 50 12.76 -12.76 -4.37
C LEU A 50 13.25 -12.25 -3.03
N LEU A 51 14.40 -12.72 -2.58
CA LEU A 51 14.88 -12.29 -1.29
C LEU A 51 15.14 -10.76 -1.27
N SER A 52 15.74 -10.23 -2.35
CA SER A 52 16.03 -8.82 -2.38
C SER A 52 14.72 -8.02 -2.37
N VAL A 53 13.74 -8.46 -3.18
CA VAL A 53 12.46 -7.76 -3.29
C VAL A 53 11.79 -7.74 -1.92
N ALA A 54 11.80 -8.89 -1.24
CA ALA A 54 11.20 -8.95 0.09
C ALA A 54 11.81 -7.92 1.06
N TYR A 55 13.13 -7.82 1.13
CA TYR A 55 13.69 -6.82 2.03
C TYR A 55 13.52 -5.41 1.50
N LYS A 56 13.56 -5.28 0.18
CA LYS A 56 13.33 -4.00 -0.44
C LYS A 56 11.99 -3.43 0.00
N ASN A 57 10.92 -4.23 -0.11
CA ASN A 57 9.59 -3.74 0.25
C ASN A 57 9.47 -3.49 1.75
N VAL A 58 10.10 -4.33 2.56
CA VAL A 58 9.85 -4.25 4.00
C VAL A 58 10.49 -2.97 4.52
N ILE A 59 11.63 -2.63 3.97
CA ILE A 59 12.36 -1.48 4.40
C ILE A 59 11.77 -0.25 3.68
N GLY A 60 11.39 -0.46 2.41
CA GLY A 60 10.71 0.55 1.63
C GLY A 60 9.58 1.12 2.44
N ALA A 61 8.68 0.26 2.94
CA ALA A 61 7.54 0.77 3.72
C ALA A 61 7.97 1.73 4.85
N ARG A 62 9.09 1.42 5.49
CA ARG A 62 9.57 2.24 6.58
C ARG A 62 10.27 3.49 6.05
N ARG A 63 10.95 3.34 4.92
CA ARG A 63 11.51 4.51 4.26
C ARG A 63 10.38 5.45 3.85
N ALA A 64 9.31 4.91 3.27
CA ALA A 64 8.24 5.78 2.90
C ALA A 64 7.62 6.46 4.12
N SER A 65 7.35 5.71 5.16
CA SER A 65 6.71 6.31 6.33
C SER A 65 7.60 7.43 6.82
N TRP A 66 8.91 7.20 6.84
CA TRP A 66 9.89 8.13 7.39
C TRP A 66 9.89 9.43 6.58
N ARG A 67 9.87 9.29 5.26
CA ARG A 67 9.84 10.49 4.41
C ARG A 67 8.55 11.26 4.60
N ILE A 68 7.43 10.58 4.71
CA ILE A 68 6.19 11.30 4.84
C ILE A 68 6.19 12.08 6.13
N ILE A 69 6.51 11.39 7.23
CA ILE A 69 6.51 12.02 8.53
C ILE A 69 7.45 13.22 8.61
N SER A 70 8.53 13.17 7.84
CA SER A 70 9.49 14.27 7.84
C SER A 70 8.94 15.51 7.17
N SER A 71 8.25 15.32 6.06
CA SER A 71 7.51 16.41 5.44
C SER A 71 6.45 17.03 6.32
N ILE A 72 5.69 16.21 7.06
CA ILE A 72 4.68 16.74 7.98
C ILE A 72 5.37 17.57 9.07
N GLU A 73 6.56 17.13 9.45
CA GLU A 73 7.38 17.79 10.47
C GLU A 73 7.98 19.11 9.97
N GLN A 74 8.35 19.16 8.69
CA GLN A 74 8.84 20.39 8.05
C GLN A 74 7.70 21.47 8.06
N LYS A 75 6.53 21.10 7.53
CA LYS A 75 5.33 21.98 7.53
C LYS A 75 4.99 22.55 8.90
N GLU A 76 5.13 21.67 9.89
CA GLU A 76 4.81 22.02 11.26
C GLU A 76 5.91 22.82 11.97
N GLU A 77 7.16 22.72 11.48
CA GLU A 77 8.25 23.57 11.96
C GLU A 77 8.01 24.94 11.40
N SER A 78 7.51 25.01 10.17
CA SER A 78 7.02 26.25 9.58
C SER A 78 5.93 26.80 10.47
N ARG A 79 4.77 26.15 10.47
CA ARG A 79 3.58 26.63 11.19
C ARG A 79 3.78 26.78 12.70
N GLY A 80 5.03 26.61 13.16
CA GLY A 80 5.48 26.96 14.52
C GLY A 80 4.82 26.17 15.62
N ASN A 81 4.54 24.90 15.35
CA ASN A 81 3.71 24.10 16.24
C ASN A 81 4.53 23.11 17.08
N GLU A 82 5.23 23.66 18.08
CA GLU A 82 6.20 22.93 18.88
C GLU A 82 5.71 21.60 19.41
N GLU A 83 4.47 21.57 19.87
CA GLU A 83 3.84 20.38 20.42
C GLU A 83 3.75 19.28 19.36
N HIS A 84 3.25 19.64 18.19
CA HIS A 84 3.14 18.68 17.11
C HIS A 84 4.51 18.22 16.70
N VAL A 85 5.46 19.14 16.64
CA VAL A 85 6.84 18.84 16.21
C VAL A 85 7.47 17.80 17.13
N ASN A 86 7.31 17.93 18.45
CA ASN A 86 7.84 16.89 19.34
C ASN A 86 7.19 15.50 19.19
N SER A 87 5.86 15.43 19.00
CA SER A 87 5.18 14.17 18.73
C SER A 87 5.71 13.50 17.47
N ILE A 88 5.90 14.28 16.42
CA ILE A 88 6.38 13.74 15.13
C ILE A 88 7.79 13.20 15.29
N ARG A 89 8.55 13.85 16.17
CA ARG A 89 9.95 13.53 16.45
C ARG A 89 10.04 12.24 17.27
N GLU A 90 9.24 12.15 18.36
CA GLU A 90 9.04 10.92 19.15
C GLU A 90 8.73 9.78 18.22
N TYR A 91 7.95 10.07 17.19
CA TYR A 91 7.42 9.05 16.31
C TYR A 91 8.37 8.68 15.22
N ARG A 92 9.07 9.67 14.67
CA ARG A 92 10.06 9.36 13.64
C ARG A 92 11.12 8.40 14.22
N SER A 93 11.52 8.65 15.47
CA SER A 93 12.33 7.71 16.24
C SER A 93 11.91 6.24 16.22
N LYS A 94 10.70 5.94 16.68
CA LYS A 94 10.21 4.56 16.62
C LYS A 94 10.40 4.03 15.20
N ILE A 95 10.05 4.82 14.20
CA ILE A 95 10.35 4.40 12.85
C ILE A 95 11.84 4.11 12.65
N GLU A 96 12.71 4.99 13.11
CA GLU A 96 14.15 4.75 12.94
C GLU A 96 14.68 3.48 13.64
N ASN A 97 14.11 3.11 14.77
CA ASN A 97 14.45 1.84 15.41
C ASN A 97 14.13 0.65 14.53
N GLU A 98 12.98 0.67 13.88
CA GLU A 98 12.60 -0.42 13.03
C GLU A 98 13.54 -0.52 11.84
N LEU A 99 13.81 0.61 11.20
CA LEU A 99 14.77 0.65 10.10
C LEU A 99 16.12 0.05 10.55
N SER A 100 16.61 0.46 11.70
CA SER A 100 17.83 -0.11 12.22
C SER A 100 17.78 -1.65 12.26
N LYS A 101 16.73 -2.16 12.90
CA LYS A 101 16.56 -3.56 13.22
C LYS A 101 16.50 -4.37 11.94
N ILE A 102 15.78 -3.84 10.95
CA ILE A 102 15.60 -4.52 9.68
C ILE A 102 16.95 -4.59 8.98
N CYS A 103 17.54 -3.42 8.74
CA CYS A 103 18.89 -3.33 8.21
C CYS A 103 19.86 -4.31 8.89
N ASP A 104 19.94 -4.32 10.23
CA ASP A 104 20.90 -5.23 10.88
C ASP A 104 20.61 -6.69 10.46
N GLY A 105 19.34 -7.02 10.28
CA GLY A 105 18.91 -8.39 9.96
C GLY A 105 19.47 -8.87 8.65
N ILE A 106 19.20 -8.14 7.59
CA ILE A 106 19.76 -8.48 6.28
C ILE A 106 21.29 -8.38 6.15
N LEU A 107 21.85 -7.27 6.61
CA LEU A 107 23.31 -7.15 6.69
C LEU A 107 24.01 -8.37 7.33
N LYS A 108 23.40 -8.96 8.34
CA LYS A 108 24.00 -10.09 9.00
C LYS A 108 23.95 -11.30 8.08
N LEU A 109 22.88 -11.42 7.32
CA LEU A 109 22.71 -12.56 6.42
C LEU A 109 23.68 -12.45 5.25
N LEU A 110 23.83 -11.23 4.76
CA LEU A 110 24.73 -10.94 3.69
C LEU A 110 26.19 -11.25 4.06
N ASP A 111 26.58 -10.95 5.28
CA ASP A 111 27.98 -11.15 5.64
C ASP A 111 28.21 -12.62 5.95
N ALA A 112 27.24 -13.27 6.56
CA ALA A 112 27.42 -14.64 7.00
C ALA A 112 27.16 -15.70 5.94
N LYS A 113 26.25 -15.44 5.00
CA LYS A 113 25.86 -16.48 4.02
C LYS A 113 25.97 -16.01 2.55
N LEU A 114 25.43 -14.85 2.23
CA LEU A 114 25.20 -14.53 0.83
C LEU A 114 26.48 -14.15 0.13
N ILE A 115 27.30 -13.32 0.75
CA ILE A 115 28.50 -12.85 0.08
C ILE A 115 29.58 -13.94 -0.04
N PRO A 116 29.83 -14.74 1.00
CA PRO A 116 30.82 -15.79 0.70
C PRO A 116 30.32 -16.89 -0.25
N SER A 117 29.00 -17.11 -0.32
CA SER A 117 28.39 -18.06 -1.29
C SER A 117 28.64 -17.67 -2.75
N ALA A 118 28.81 -16.38 -3.00
CA ALA A 118 28.77 -15.86 -4.34
C ALA A 118 29.91 -16.33 -5.23
N ALA A 119 29.56 -17.13 -6.24
CA ALA A 119 30.56 -17.64 -7.19
C ALA A 119 30.82 -16.68 -8.37
N SER A 120 29.87 -16.52 -9.29
CA SER A 120 30.07 -15.62 -10.44
C SER A 120 30.20 -14.16 -9.98
N GLY A 121 30.83 -13.33 -10.82
CA GLY A 121 30.94 -11.91 -10.58
C GLY A 121 29.56 -11.29 -10.38
N ASP A 122 28.67 -11.59 -11.33
CA ASP A 122 27.23 -11.30 -11.20
C ASP A 122 26.75 -11.29 -9.79
N SER A 123 26.85 -12.46 -9.17
CA SER A 123 26.30 -12.70 -7.87
C SER A 123 27.03 -11.89 -6.84
N LYS A 124 28.33 -11.76 -7.05
CA LYS A 124 29.10 -10.95 -6.16
C LYS A 124 28.66 -9.52 -6.30
N VAL A 125 28.47 -9.00 -7.51
CA VAL A 125 28.00 -7.63 -7.59
C VAL A 125 26.63 -7.47 -6.90
N PHE A 126 25.74 -8.44 -7.14
CA PHE A 126 24.37 -8.41 -6.57
C PHE A 126 24.37 -8.19 -5.06
N TYR A 127 25.14 -9.04 -4.38
CA TYR A 127 25.17 -9.04 -2.94
C TYR A 127 25.88 -7.84 -2.34
N LEU A 128 26.97 -7.42 -2.93
CA LEU A 128 27.66 -6.22 -2.46
C LEU A 128 26.78 -4.96 -2.68
N LYS A 129 26.06 -4.89 -3.80
CA LYS A 129 25.05 -3.86 -3.93
C LYS A 129 24.09 -3.94 -2.74
N MET A 130 23.61 -5.15 -2.40
CA MET A 130 22.65 -5.20 -1.31
C MET A 130 23.32 -4.63 -0.09
N LYS A 131 24.57 -5.03 0.14
CA LYS A 131 25.21 -4.60 1.33
C LYS A 131 25.39 -3.07 1.29
N GLY A 132 25.65 -2.52 0.10
CA GLY A 132 25.73 -1.08 0.00
C GLY A 132 24.43 -0.39 0.41
N ASP A 133 23.33 -0.91 -0.14
CA ASP A 133 22.03 -0.29 0.02
C ASP A 133 21.63 -0.18 1.49
N TYR A 134 21.72 -1.29 2.23
CA TYR A 134 21.20 -1.25 3.59
C TYR A 134 22.06 -0.41 4.50
N HIS A 135 23.34 -0.21 4.16
CA HIS A 135 24.16 0.72 4.93
C HIS A 135 23.79 2.16 4.56
N ARG A 136 23.42 2.34 3.28
CA ARG A 136 22.92 3.63 2.80
C ARG A 136 21.59 4.03 3.47
N TYR A 137 20.65 3.08 3.57
CA TYR A 137 19.41 3.33 4.28
C TYR A 137 19.69 3.77 5.70
N LEU A 138 20.68 3.17 6.36
CA LEU A 138 21.03 3.66 7.68
C LEU A 138 21.53 5.11 7.63
N ALA A 139 22.28 5.42 6.59
CA ALA A 139 22.93 6.71 6.46
C ALA A 139 21.89 7.80 6.27
N GLU A 140 20.74 7.45 5.70
CA GLU A 140 19.68 8.41 5.37
C GLU A 140 19.17 9.19 6.56
N PHE A 141 19.15 8.52 7.70
CA PHE A 141 18.64 9.13 8.91
C PHE A 141 19.63 9.25 10.08
N LYS A 142 20.71 8.45 10.12
CA LYS A 142 21.76 8.56 11.20
C LYS A 142 22.49 9.91 11.18
N THR A 143 23.01 10.33 12.34
CA THR A 143 23.41 11.73 12.52
C THR A 143 24.87 12.14 12.09
N GLY A 144 25.86 12.04 12.98
CA GLY A 144 27.23 12.45 12.68
C GLY A 144 28.19 11.26 12.57
N ALA A 145 28.57 10.67 13.71
CA ALA A 145 29.44 9.48 13.73
C ALA A 145 28.76 8.20 13.20
N GLU A 146 27.51 7.99 13.59
CA GLU A 146 26.78 6.84 13.10
CA GLU A 146 26.76 6.85 13.11
C GLU A 146 26.58 6.92 11.59
N ARG A 147 26.46 8.14 11.07
CA ARG A 147 26.34 8.37 9.65
C ARG A 147 27.65 8.04 8.94
N LYS A 148 28.75 8.54 9.48
CA LYS A 148 30.07 8.29 8.89
C LYS A 148 30.35 6.81 8.80
N GLU A 149 30.15 6.07 9.88
CA GLU A 149 30.28 4.62 9.82
C GLU A 149 29.44 4.03 8.69
N ALA A 150 28.17 4.43 8.62
CA ALA A 150 27.29 3.92 7.58
C ALA A 150 27.76 4.32 6.16
N ALA A 151 28.09 5.59 5.96
CA ALA A 151 28.59 6.08 4.67
C ALA A 151 29.88 5.36 4.30
N GLU A 152 30.73 5.14 5.31
CA GLU A 152 31.99 4.43 5.14
C GLU A 152 31.71 3.01 4.65
N SER A 153 30.83 2.29 5.33
CA SER A 153 30.50 0.93 4.92
C SER A 153 29.85 0.85 3.50
N THR A 154 29.01 1.82 3.16
CA THR A 154 28.41 1.91 1.84
C THR A 154 29.44 2.12 0.74
N LEU A 155 30.38 3.02 0.97
CA LEU A 155 31.32 3.27 -0.07
C LEU A 155 32.12 2.00 -0.32
N THR A 156 32.57 1.34 0.74
CA THR A 156 33.44 0.24 0.53
C THR A 156 32.75 -0.93 -0.13
N ALA A 157 31.46 -1.10 0.09
CA ALA A 157 30.70 -2.11 -0.65
C ALA A 157 30.49 -1.77 -2.13
N TYR A 158 30.00 -0.56 -2.42
CA TYR A 158 29.78 -0.12 -3.80
C TYR A 158 31.08 -0.04 -4.59
N LYS A 159 32.15 0.43 -3.96
CA LYS A 159 33.43 0.40 -4.63
C LYS A 159 33.83 -1.05 -4.94
N ALA A 160 33.59 -1.99 -4.03
CA ALA A 160 33.97 -3.38 -4.32
C ALA A 160 33.08 -4.02 -5.40
N ALA A 161 31.78 -3.70 -5.38
CA ALA A 161 30.88 -4.13 -6.44
C ALA A 161 31.31 -3.58 -7.82
N GLN A 162 31.60 -2.27 -7.85
CA GLN A 162 31.91 -1.61 -9.09
C GLN A 162 33.21 -2.10 -9.67
N ASP A 163 34.14 -2.48 -8.82
CA ASP A 163 35.41 -2.93 -9.33
C ASP A 163 35.22 -4.31 -10.00
N ILE A 164 34.26 -5.08 -9.54
CA ILE A 164 33.88 -6.32 -10.21
C ILE A 164 33.02 -6.05 -11.47
N ALA A 165 31.93 -5.29 -11.32
CA ALA A 165 30.97 -5.11 -12.40
C ALA A 165 31.63 -4.50 -13.63
N THR A 166 32.40 -3.48 -13.37
CA THR A 166 33.12 -2.71 -14.36
C THR A 166 34.13 -3.54 -15.16
N THR A 167 34.69 -4.59 -14.56
CA THR A 167 35.63 -5.44 -15.29
C THR A 167 35.06 -6.79 -15.71
N GLU A 168 34.05 -7.29 -14.99
CA GLU A 168 33.46 -8.61 -15.30
C GLU A 168 32.11 -8.61 -16.08
N LEU A 169 31.33 -7.53 -15.98
CA LEU A 169 30.01 -7.42 -16.62
C LEU A 169 29.91 -6.37 -17.72
N ALA A 170 29.09 -6.65 -18.73
CA ALA A 170 28.84 -5.71 -19.84
C ALA A 170 28.15 -4.44 -19.35
N PRO A 171 28.40 -3.31 -20.01
CA PRO A 171 27.83 -2.02 -19.56
C PRO A 171 26.30 -2.02 -19.49
N THR A 172 25.72 -3.03 -20.13
CA THR A 172 24.32 -3.18 -20.36
C THR A 172 23.66 -4.16 -19.36
N HIS A 173 24.47 -4.70 -18.45
CA HIS A 173 24.03 -5.72 -17.52
C HIS A 173 23.13 -5.13 -16.45
N PRO A 174 21.94 -5.70 -16.27
CA PRO A 174 21.01 -5.05 -15.33
C PRO A 174 21.65 -4.78 -13.98
N ILE A 175 22.55 -5.64 -13.53
CA ILE A 175 23.11 -5.46 -12.19
C ILE A 175 24.19 -4.36 -12.16
N ARG A 176 25.01 -4.26 -13.21
CA ARG A 176 25.97 -3.15 -13.34
C ARG A 176 25.18 -1.87 -13.32
N LEU A 177 24.16 -1.82 -14.17
CA LEU A 177 23.27 -0.66 -14.24
C LEU A 177 22.62 -0.30 -12.90
N GLY A 178 22.06 -1.29 -12.21
CA GLY A 178 21.40 -1.02 -10.93
C GLY A 178 22.37 -0.53 -9.86
N LEU A 179 23.63 -0.97 -9.96
CA LEU A 179 24.66 -0.55 -9.03
C LEU A 179 24.98 0.92 -9.24
N ALA A 180 25.28 1.30 -10.49
CA ALA A 180 25.53 2.69 -10.82
C ALA A 180 24.36 3.60 -10.41
N LEU A 181 23.14 3.15 -10.65
CA LEU A 181 21.98 3.93 -10.19
C LEU A 181 22.15 4.28 -8.73
N ASN A 182 22.24 3.24 -7.89
CA ASN A 182 22.30 3.43 -6.44
C ASN A 182 23.59 4.10 -5.98
N PHE A 183 24.71 3.77 -6.62
CA PHE A 183 26.00 4.39 -6.23
C PHE A 183 25.92 5.94 -6.46
N SER A 184 25.39 6.31 -7.64
CA SER A 184 25.18 7.70 -7.99
C SER A 184 24.26 8.37 -6.98
N VAL A 185 23.21 7.67 -6.56
CA VAL A 185 22.30 8.23 -5.59
C VAL A 185 22.98 8.43 -4.26
N PHE A 186 23.76 7.45 -3.84
CA PHE A 186 24.51 7.58 -2.59
C PHE A 186 25.32 8.86 -2.57
N TYR A 187 26.02 9.14 -3.66
CA TYR A 187 26.76 10.38 -3.80
C TYR A 187 25.88 11.62 -3.72
N TYR A 188 24.73 11.58 -4.39
CA TYR A 188 23.84 12.75 -4.42
C TYR A 188 23.18 12.95 -3.05
N GLU A 189 22.64 11.89 -2.49
CA GLU A 189 21.86 12.10 -1.31
C GLU A 189 22.58 11.95 0.02
N ILE A 190 23.61 11.10 0.05
CA ILE A 190 24.27 10.79 1.29
C ILE A 190 25.47 11.67 1.46
N LEU A 191 26.36 11.61 0.47
CA LEU A 191 27.56 12.46 0.44
C LEU A 191 27.26 13.90 0.04
N ASN A 192 26.11 14.14 -0.58
CA ASN A 192 25.77 15.45 -1.14
C ASN A 192 26.83 15.95 -2.11
N SER A 193 27.27 15.12 -3.03
CA SER A 193 28.25 15.54 -4.05
C SER A 193 27.64 15.42 -5.43
N PRO A 194 26.96 16.47 -5.88
CA PRO A 194 26.11 16.20 -7.04
C PRO A 194 26.94 16.05 -8.34
N ASP A 195 28.07 16.74 -8.41
CA ASP A 195 28.94 16.55 -9.56
C ASP A 195 29.41 15.10 -9.62
N ARG A 196 29.77 14.52 -8.47
CA ARG A 196 30.28 13.14 -8.44
C ARG A 196 29.15 12.19 -8.88
N ALA A 197 27.93 12.49 -8.44
CA ALA A 197 26.76 11.74 -8.80
C ALA A 197 26.49 11.83 -10.29
N CYS A 198 26.44 13.05 -10.83
CA CYS A 198 26.14 13.22 -12.25
C CYS A 198 27.19 12.51 -13.07
N ASN A 199 28.42 12.58 -12.63
CA ASN A 199 29.51 11.93 -13.35
C ASN A 199 29.38 10.42 -13.48
N LEU A 200 28.94 9.78 -12.40
CA LEU A 200 28.95 8.36 -12.34
C LEU A 200 27.74 7.90 -13.15
N ALA A 201 26.60 8.53 -12.85
CA ALA A 201 25.35 8.13 -13.48
C ALA A 201 25.53 8.30 -14.97
N LYS A 202 26.09 9.44 -15.38
CA LYS A 202 26.14 9.75 -16.79
C LYS A 202 27.09 8.79 -17.50
N GLN A 203 28.20 8.44 -16.87
CA GLN A 203 29.13 7.47 -17.45
C GLN A 203 28.47 6.08 -17.63
N ALA A 204 27.84 5.56 -16.59
CA ALA A 204 27.17 4.27 -16.72
C ALA A 204 26.16 4.28 -17.86
N PHE A 205 25.41 5.37 -17.99
CA PHE A 205 24.42 5.49 -19.01
C PHE A 205 25.05 5.52 -20.39
N ASP A 206 26.13 6.28 -20.51
CA ASP A 206 26.81 6.45 -21.78
C ASP A 206 27.46 5.16 -22.27
N GLU A 207 28.11 4.44 -21.36
CA GLU A 207 28.77 3.18 -21.72
C GLU A 207 27.74 2.18 -22.21
N ALA A 208 26.59 2.17 -21.52
CA ALA A 208 25.47 1.29 -21.87
C ALA A 208 24.84 1.67 -23.20
N ILE A 209 24.67 2.96 -23.43
CA ILE A 209 24.09 3.41 -24.67
C ILE A 209 25.02 3.03 -25.82
N ALA A 210 26.32 3.24 -25.62
CA ALA A 210 27.35 2.91 -26.58
C ALA A 210 27.31 1.44 -26.99
N GLU A 211 26.87 0.55 -26.11
CA GLU A 211 26.91 -0.88 -26.42
C GLU A 211 25.81 -1.39 -27.34
N LEU A 212 24.62 -0.79 -27.28
CA LEU A 212 23.60 -1.03 -28.32
C LEU A 212 24.05 -0.50 -29.68
N SER A 219 16.30 -9.82 -20.96
CA SER A 219 17.52 -9.05 -21.29
C SER A 219 17.28 -7.52 -21.27
N TYR A 220 16.76 -7.00 -22.39
CA TYR A 220 16.44 -5.58 -22.55
C TYR A 220 15.65 -5.04 -21.36
N LYS A 221 14.40 -5.50 -21.17
CA LYS A 221 13.44 -4.87 -20.24
C LYS A 221 13.96 -4.28 -18.93
N ASP A 222 14.79 -5.00 -18.20
CA ASP A 222 15.26 -4.44 -16.94
C ASP A 222 16.35 -3.38 -17.11
N SER A 223 17.23 -3.60 -18.06
CA SER A 223 18.24 -2.68 -18.37
C SER A 223 17.63 -1.37 -18.80
N THR A 224 16.65 -1.44 -19.70
CA THR A 224 16.08 -0.23 -20.18
C THR A 224 15.35 0.52 -19.09
N LEU A 225 14.65 -0.17 -18.21
CA LEU A 225 14.11 0.53 -17.05
C LEU A 225 15.20 1.32 -16.27
N ILE A 226 16.27 0.63 -15.82
CA ILE A 226 17.29 1.28 -15.01
C ILE A 226 17.96 2.42 -15.78
N MET A 227 18.08 2.28 -17.09
CA MET A 227 18.63 3.36 -17.85
C MET A 227 17.70 4.56 -17.91
N GLN A 228 16.39 4.31 -17.99
CA GLN A 228 15.42 5.38 -17.89
C GLN A 228 15.58 6.11 -16.55
N LEU A 229 15.75 5.35 -15.48
CA LEU A 229 15.94 5.95 -14.14
C LEU A 229 17.24 6.78 -14.02
N LEU A 230 18.33 6.26 -14.55
CA LEU A 230 19.55 7.04 -14.61
C LEU A 230 19.28 8.41 -15.26
N ARG A 231 18.67 8.37 -16.45
CA ARG A 231 18.32 9.58 -17.21
C ARG A 231 17.40 10.47 -16.40
N ASP A 232 16.39 9.88 -15.77
CA ASP A 232 15.46 10.64 -14.94
C ASP A 232 16.25 11.35 -13.85
N ASN A 233 17.09 10.60 -13.13
CA ASN A 233 17.87 11.23 -12.10
C ASN A 233 18.71 12.36 -12.68
N LEU A 234 19.37 12.14 -13.82
CA LEU A 234 20.31 13.14 -14.31
C LEU A 234 19.57 14.40 -14.67
N THR A 235 18.33 14.25 -15.15
CA THR A 235 17.61 15.44 -15.53
C THR A 235 17.10 16.20 -14.28
N LEU A 236 16.84 15.47 -13.21
CA LEU A 236 16.41 16.10 -11.98
C LEU A 236 17.51 16.86 -11.29
N TRP A 237 18.70 16.29 -11.29
CA TRP A 237 19.86 16.82 -10.59
C TRP A 237 20.45 18.04 -11.31
N THR A 238 20.17 18.16 -12.59
CA THR A 238 20.65 19.30 -13.36
C THR A 238 19.71 20.51 -13.32
N SER A 239 18.42 20.29 -13.57
CA SER A 239 17.47 21.39 -13.45
C SER A 239 17.58 22.04 -12.04
N ASP A 240 18.01 21.22 -11.07
CA ASP A 240 18.23 21.64 -9.68
C ASP A 240 19.57 22.38 -9.37
N MET A 241 20.51 22.41 -10.32
CA MET A 241 21.77 23.12 -10.09
C MET A 241 21.60 24.64 -10.30
N ALA B 4 0.33 21.93 27.06
CA ALA B 4 0.11 20.66 27.77
C ALA B 4 -1.13 19.97 27.18
N PRO B 5 -0.92 19.08 26.18
CA PRO B 5 -2.05 18.34 25.58
C PRO B 5 -2.36 17.04 26.33
N THR B 6 -3.64 16.65 26.39
CA THR B 6 -4.04 15.44 27.10
C THR B 6 -3.50 14.18 26.42
N ALA B 7 -3.50 13.07 27.16
CA ALA B 7 -3.13 11.78 26.62
C ALA B 7 -4.08 11.32 25.49
N ARG B 8 -5.32 11.77 25.57
CA ARG B 8 -6.31 11.46 24.54
C ARG B 8 -5.95 12.26 23.29
N GLU B 9 -5.80 13.57 23.46
CA GLU B 9 -5.46 14.51 22.39
C GLU B 9 -4.16 14.08 21.70
N GLU B 10 -3.18 13.64 22.51
CA GLU B 10 -1.92 13.17 21.98
C GLU B 10 -2.07 11.91 21.14
N ASN B 11 -2.86 10.96 21.62
CA ASN B 11 -3.09 9.73 20.86
C ASN B 11 -3.79 9.98 19.53
N VAL B 12 -4.68 10.97 19.53
CA VAL B 12 -5.48 11.31 18.33
C VAL B 12 -4.58 11.92 17.25
N TYR B 13 -3.73 12.87 17.65
CA TYR B 13 -2.70 13.38 16.76
C TYR B 13 -1.83 12.22 16.24
N MET B 14 -1.46 11.33 17.16
CA MET B 14 -0.66 10.16 16.81
C MET B 14 -1.36 9.32 15.75
N ALA B 15 -2.67 9.19 15.87
CA ALA B 15 -3.44 8.37 14.92
C ALA B 15 -3.34 8.95 13.53
N LYS B 16 -3.41 10.28 13.48
CA LYS B 16 -3.39 11.01 12.22
C LYS B 16 -2.06 10.92 11.55
N LEU B 17 -0.98 10.98 12.32
CA LEU B 17 0.37 10.70 11.79
C LEU B 17 0.47 9.30 11.16
N ALA B 18 -0.04 8.30 11.89
CA ALA B 18 0.04 6.92 11.46
C ALA B 18 -0.75 6.70 10.16
N GLU B 19 -1.90 7.36 10.06
CA GLU B 19 -2.73 7.23 8.87
C GLU B 19 -1.96 7.69 7.64
N GLN B 20 -1.26 8.80 7.77
CA GLN B 20 -0.59 9.39 6.66
C GLN B 20 0.67 8.59 6.31
N ALA B 21 1.33 8.05 7.35
CA ALA B 21 2.49 7.20 7.17
C ALA B 21 2.11 5.78 6.73
N GLU B 22 0.83 5.46 6.76
CA GLU B 22 0.36 4.17 6.32
C GLU B 22 0.72 3.09 7.34
N ARG B 23 0.81 3.52 8.59
CA ARG B 23 1.10 2.60 9.65
C ARG B 23 -0.18 2.31 10.43
N TYR B 24 -1.06 1.57 9.78
CA TYR B 24 -2.45 1.37 10.23
C TYR B 24 -2.61 0.53 11.49
N GLU B 25 -1.80 -0.53 11.67
CA GLU B 25 -1.83 -1.31 12.91
C GLU B 25 -1.61 -0.41 14.13
N GLU B 26 -0.58 0.45 14.07
CA GLU B 26 -0.35 1.46 15.13
C GLU B 26 -1.52 2.41 15.22
N MET B 27 -2.09 2.77 14.07
CA MET B 27 -3.27 3.65 14.07
C MET B 27 -4.35 3.04 14.97
N VAL B 28 -4.69 1.77 14.69
CA VAL B 28 -5.60 1.01 15.56
C VAL B 28 -5.17 1.07 17.02
N GLU B 29 -3.88 0.82 17.30
CA GLU B 29 -3.35 0.79 18.66
C GLU B 29 -3.64 2.10 19.35
N PHE B 30 -3.34 3.20 18.66
CA PHE B 30 -3.53 4.53 19.22
C PHE B 30 -5.01 4.80 19.46
N MET B 31 -5.86 4.45 18.49
CA MET B 31 -7.31 4.66 18.60
C MET B 31 -7.92 3.81 19.69
N GLU B 32 -7.49 2.56 19.81
CA GLU B 32 -7.89 1.72 20.94
C GLU B 32 -7.46 2.26 22.32
N LYS B 33 -6.24 2.79 22.44
CA LYS B 33 -5.81 3.40 23.71
C LYS B 33 -6.68 4.61 24.09
N VAL B 34 -7.34 5.18 23.08
CA VAL B 34 -8.25 6.31 23.30
C VAL B 34 -9.59 5.84 23.83
N SER B 35 -10.16 4.84 23.16
CA SER B 35 -11.48 4.34 23.51
C SER B 35 -11.49 3.48 24.77
N ASN B 36 -10.33 3.13 25.30
CA ASN B 36 -10.29 2.50 26.62
C ASN B 36 -10.27 3.50 27.77
N SER B 37 -9.67 4.67 27.51
CA SER B 37 -9.54 5.72 28.52
C SER B 37 -10.82 6.51 28.76
N LEU B 38 -11.74 6.51 27.78
CA LEU B 38 -13.03 7.18 27.91
C LEU B 38 -13.98 6.43 28.84
N GLY B 39 -14.74 7.18 29.63
CA GLY B 39 -15.73 6.59 30.54
C GLY B 39 -17.12 6.64 29.93
N SER B 40 -18.00 7.45 30.53
CA SER B 40 -19.36 7.66 30.04
C SER B 40 -19.43 8.39 28.68
N GLU B 41 -18.38 9.12 28.32
CA GLU B 41 -18.32 9.84 27.04
C GLU B 41 -18.19 8.86 25.92
N GLU B 42 -18.90 9.16 24.84
CA GLU B 42 -18.66 8.54 23.56
C GLU B 42 -17.56 9.33 22.85
N LEU B 43 -17.03 8.78 21.76
CA LEU B 43 -15.97 9.44 20.99
C LEU B 43 -16.54 10.57 20.16
N THR B 44 -15.75 11.63 19.94
CA THR B 44 -16.12 12.68 18.98
C THR B 44 -16.26 12.13 17.56
N VAL B 45 -16.84 12.93 16.67
CA VAL B 45 -16.87 12.61 15.23
C VAL B 45 -15.48 12.24 14.67
N GLU B 46 -14.49 13.09 14.93
CA GLU B 46 -13.15 12.87 14.44
C GLU B 46 -12.57 11.53 14.93
N GLU B 47 -12.62 11.33 16.24
CA GLU B 47 -12.13 10.10 16.84
C GLU B 47 -12.81 8.86 16.24
N ARG B 48 -14.14 8.82 16.32
CA ARG B 48 -15.02 7.92 15.54
C ARG B 48 -14.38 7.58 14.21
N ASN B 49 -14.22 8.61 13.39
CA ASN B 49 -13.75 8.39 12.04
C ASN B 49 -12.35 7.76 12.07
N LEU B 50 -11.41 8.36 12.79
CA LEU B 50 -10.07 7.76 12.97
C LEU B 50 -10.15 6.27 13.30
N LEU B 51 -10.99 5.90 14.26
CA LEU B 51 -11.10 4.51 14.63
C LEU B 51 -11.56 3.68 13.45
N SER B 52 -12.67 4.07 12.82
CA SER B 52 -13.22 3.26 11.74
C SER B 52 -12.22 3.08 10.62
N VAL B 53 -11.50 4.13 10.31
CA VAL B 53 -10.58 4.09 9.20
C VAL B 53 -9.45 3.15 9.48
N ALA B 54 -8.96 3.18 10.70
CA ALA B 54 -7.89 2.32 11.16
C ALA B 54 -8.23 0.83 11.00
N TYR B 55 -9.34 0.39 11.60
CA TYR B 55 -9.83 -0.97 11.43
C TYR B 55 -10.15 -1.31 9.97
N LYS B 56 -10.79 -0.38 9.25
CA LYS B 56 -11.07 -0.52 7.81
C LYS B 56 -9.80 -0.89 7.05
N ASN B 57 -8.73 -0.14 7.28
CA ASN B 57 -7.46 -0.36 6.61
C ASN B 57 -6.70 -1.63 7.05
N VAL B 58 -6.65 -1.85 8.36
CA VAL B 58 -6.00 -3.05 8.87
C VAL B 58 -6.68 -4.26 8.25
N ILE B 59 -8.02 -4.23 8.23
CA ILE B 59 -8.82 -5.34 7.75
C ILE B 59 -8.82 -5.36 6.21
N GLY B 60 -8.79 -4.18 5.62
CA GLY B 60 -8.83 -4.01 4.17
C GLY B 60 -7.62 -4.65 3.53
N ALA B 61 -6.44 -4.39 4.08
CA ALA B 61 -5.23 -5.07 3.63
C ALA B 61 -5.42 -6.59 3.53
N ARG B 62 -6.16 -7.18 4.44
CA ARG B 62 -6.30 -8.62 4.48
C ARG B 62 -7.38 -9.12 3.50
N ARG B 63 -8.44 -8.33 3.35
CA ARG B 63 -9.46 -8.65 2.38
C ARG B 63 -8.85 -8.61 0.97
N ALA B 64 -8.09 -7.55 0.69
CA ALA B 64 -7.32 -7.45 -0.53
C ALA B 64 -6.51 -8.71 -0.74
N SER B 65 -5.70 -9.05 0.27
CA SER B 65 -4.86 -10.22 0.20
C SER B 65 -5.70 -11.43 -0.14
N TRP B 66 -6.86 -11.55 0.53
CA TRP B 66 -7.72 -12.72 0.39
C TRP B 66 -8.23 -12.84 -1.06
N ARG B 67 -8.68 -11.72 -1.63
CA ARG B 67 -9.19 -11.74 -3.01
C ARG B 67 -8.10 -12.00 -4.05
N ILE B 68 -6.92 -11.42 -3.86
CA ILE B 68 -5.78 -11.69 -4.75
C ILE B 68 -5.46 -13.21 -4.79
N ILE B 69 -5.25 -13.77 -3.60
CA ILE B 69 -4.98 -15.18 -3.40
C ILE B 69 -6.06 -16.08 -3.98
N SER B 70 -7.33 -15.78 -3.71
CA SER B 70 -8.48 -16.52 -4.29
C SER B 70 -8.42 -16.57 -5.82
N SER B 71 -8.19 -15.40 -6.42
CA SER B 71 -7.97 -15.30 -7.87
C SER B 71 -6.88 -16.20 -8.41
N ILE B 72 -5.79 -16.29 -7.67
CA ILE B 72 -4.66 -17.12 -8.02
C ILE B 72 -5.07 -18.60 -7.89
N GLU B 73 -5.83 -18.91 -6.84
CA GLU B 73 -6.29 -20.26 -6.60
C GLU B 73 -7.11 -20.76 -7.79
N GLN B 74 -7.95 -19.89 -8.35
CA GLN B 74 -8.77 -20.27 -9.47
C GLN B 74 -8.00 -20.37 -10.78
N LYS B 75 -6.97 -19.57 -10.96
CA LYS B 75 -6.15 -19.70 -12.14
C LYS B 75 -5.37 -20.99 -12.08
N GLU B 76 -4.97 -21.37 -10.87
CA GLU B 76 -4.14 -22.54 -10.66
C GLU B 76 -4.99 -23.80 -10.70
N GLU B 77 -6.18 -23.74 -10.09
CA GLU B 77 -7.08 -24.88 -10.07
C GLU B 77 -7.50 -25.26 -11.48
N SER B 78 -7.65 -24.26 -12.34
CA SER B 78 -8.00 -24.56 -13.74
C SER B 78 -6.76 -24.90 -14.57
N ARG B 79 -5.64 -25.16 -13.91
CA ARG B 79 -4.42 -25.65 -14.54
C ARG B 79 -4.00 -27.04 -14.08
N GLY B 80 -4.63 -27.51 -13.01
CA GLY B 80 -4.34 -28.85 -12.50
C GLY B 80 -3.11 -28.89 -11.65
N ASN B 81 -2.69 -27.73 -11.16
CA ASN B 81 -1.60 -27.67 -10.20
C ASN B 81 -2.16 -27.91 -8.81
N GLU B 82 -2.37 -29.19 -8.49
CA GLU B 82 -2.81 -29.60 -7.16
C GLU B 82 -1.83 -29.05 -6.14
N GLU B 83 -0.55 -29.19 -6.46
CA GLU B 83 0.56 -28.81 -5.59
C GLU B 83 0.44 -27.36 -5.15
N HIS B 84 0.20 -26.46 -6.10
CA HIS B 84 0.06 -25.05 -5.79
C HIS B 84 -1.26 -24.73 -5.13
N VAL B 85 -2.30 -25.42 -5.58
CA VAL B 85 -3.64 -25.24 -5.01
C VAL B 85 -3.65 -25.58 -3.51
N ASN B 86 -2.76 -26.48 -3.08
CA ASN B 86 -2.61 -26.78 -1.67
C ASN B 86 -2.00 -25.64 -0.92
N SER B 87 -0.83 -25.20 -1.38
CA SER B 87 -0.16 -24.06 -0.78
C SER B 87 -1.11 -22.88 -0.70
N ILE B 88 -1.88 -22.64 -1.76
CA ILE B 88 -2.72 -21.42 -1.81
C ILE B 88 -3.82 -21.50 -0.78
N ARG B 89 -4.36 -22.70 -0.60
CA ARG B 89 -5.42 -22.97 0.36
C ARG B 89 -4.92 -22.88 1.80
N GLU B 90 -3.77 -23.51 2.06
CA GLU B 90 -3.06 -23.37 3.32
C GLU B 90 -2.94 -21.90 3.65
N TYR B 91 -2.53 -21.10 2.67
CA TYR B 91 -2.31 -19.68 2.85
C TYR B 91 -3.59 -18.85 3.02
N ARG B 92 -4.63 -19.18 2.27
CA ARG B 92 -5.92 -18.51 2.41
C ARG B 92 -6.41 -18.66 3.84
N SER B 93 -6.28 -19.88 4.33
CA SER B 93 -6.60 -20.23 5.70
C SER B 93 -5.85 -19.42 6.75
N LYS B 94 -4.54 -19.23 6.56
CA LYS B 94 -3.76 -18.42 7.49
C LYS B 94 -4.28 -16.97 7.54
N ILE B 95 -4.74 -16.45 6.40
CA ILE B 95 -5.30 -15.10 6.30
C ILE B 95 -6.70 -15.07 6.93
N GLU B 96 -7.51 -16.07 6.59
CA GLU B 96 -8.82 -16.23 7.20
C GLU B 96 -8.78 -16.14 8.73
N ASN B 97 -7.75 -16.72 9.31
CA ASN B 97 -7.50 -16.61 10.74
C ASN B 97 -7.35 -15.16 11.15
N GLU B 98 -6.49 -14.44 10.43
CA GLU B 98 -6.26 -13.05 10.79
C GLU B 98 -7.54 -12.23 10.70
N LEU B 99 -8.32 -12.48 9.66
CA LEU B 99 -9.56 -11.78 9.51
C LEU B 99 -10.42 -12.09 10.75
N SER B 100 -10.48 -13.36 11.14
CA SER B 100 -11.17 -13.69 12.37
C SER B 100 -10.76 -12.82 13.56
N LYS B 101 -9.48 -12.80 13.91
CA LYS B 101 -9.02 -12.17 15.16
C LYS B 101 -9.20 -10.65 15.20
N ILE B 102 -9.02 -10.04 14.03
CA ILE B 102 -9.25 -8.61 13.88
C ILE B 102 -10.72 -8.31 14.00
N CYS B 103 -11.55 -9.00 13.23
CA CYS B 103 -12.97 -8.78 13.29
C CYS B 103 -13.45 -8.86 14.73
N ASP B 104 -12.88 -9.78 15.49
CA ASP B 104 -13.34 -10.06 16.83
C ASP B 104 -12.85 -9.07 17.87
N GLY B 105 -11.72 -8.43 17.62
CA GLY B 105 -11.21 -7.42 18.53
C GLY B 105 -12.12 -6.21 18.49
N ILE B 106 -12.39 -5.76 17.27
CA ILE B 106 -13.29 -4.64 17.03
C ILE B 106 -14.73 -4.97 17.39
N LEU B 107 -15.17 -6.17 17.06
CA LEU B 107 -16.56 -6.52 17.31
C LEU B 107 -16.90 -6.54 18.81
N LYS B 108 -15.93 -6.92 19.65
CA LYS B 108 -16.19 -6.93 21.08
C LYS B 108 -16.11 -5.52 21.68
N LEU B 109 -15.30 -4.65 21.06
CA LEU B 109 -15.22 -3.26 21.46
C LEU B 109 -16.55 -2.54 21.17
N LEU B 110 -17.04 -2.69 19.94
CA LEU B 110 -18.36 -2.20 19.55
C LEU B 110 -19.44 -2.56 20.56
N ASP B 111 -19.41 -3.81 21.02
CA ASP B 111 -20.47 -4.37 21.86
C ASP B 111 -20.35 -3.97 23.31
N ALA B 112 -19.12 -3.90 23.80
CA ALA B 112 -18.91 -3.58 25.20
C ALA B 112 -18.96 -2.07 25.47
N LYS B 113 -18.38 -1.25 24.60
CA LYS B 113 -18.20 0.17 24.87
C LYS B 113 -18.97 1.06 23.91
N LEU B 114 -18.62 0.96 22.64
CA LEU B 114 -18.97 1.98 21.68
C LEU B 114 -20.47 2.06 21.45
N ILE B 115 -21.09 0.92 21.10
CA ILE B 115 -22.54 0.87 20.94
C ILE B 115 -23.29 1.35 22.20
N PRO B 116 -23.08 0.67 23.35
CA PRO B 116 -23.82 1.15 24.53
C PRO B 116 -23.77 2.68 24.67
N SER B 117 -22.57 3.26 24.73
CA SER B 117 -22.39 4.71 24.94
C SER B 117 -22.95 5.63 23.83
N ALA B 118 -23.52 5.05 22.78
CA ALA B 118 -24.00 5.86 21.68
C ALA B 118 -25.35 6.45 22.05
N ALA B 119 -25.40 7.79 22.12
CA ALA B 119 -26.61 8.47 22.57
C ALA B 119 -27.52 9.00 21.45
N SER B 120 -26.95 9.55 20.38
CA SER B 120 -27.77 10.11 19.30
C SER B 120 -27.87 9.15 18.10
N GLY B 121 -28.66 9.54 17.10
CA GLY B 121 -28.93 8.68 15.94
C GLY B 121 -27.66 8.43 15.18
N ASP B 122 -27.11 9.51 14.64
CA ASP B 122 -25.73 9.66 14.22
C ASP B 122 -24.81 8.60 14.74
N SER B 123 -24.53 8.72 16.02
CA SER B 123 -23.60 7.90 16.76
C SER B 123 -24.03 6.45 16.69
N LYS B 124 -25.31 6.19 16.96
CA LYS B 124 -25.83 4.82 17.01
C LYS B 124 -25.74 4.14 15.63
N VAL B 125 -26.19 4.80 14.58
CA VAL B 125 -26.04 4.30 13.20
C VAL B 125 -24.58 4.00 12.82
N PHE B 126 -23.68 4.88 13.27
CA PHE B 126 -22.26 4.80 12.93
C PHE B 126 -21.69 3.50 13.43
N TYR B 127 -22.06 3.13 14.65
CA TYR B 127 -21.56 1.90 15.22
C TYR B 127 -22.34 0.66 14.75
N LEU B 128 -23.66 0.74 14.71
CA LEU B 128 -24.46 -0.33 14.12
C LEU B 128 -23.91 -0.70 12.74
N LYS B 129 -23.67 0.30 11.88
CA LYS B 129 -23.04 0.04 10.59
C LYS B 129 -21.75 -0.75 10.74
N MET B 130 -20.87 -0.29 11.64
CA MET B 130 -19.59 -0.95 11.82
C MET B 130 -19.80 -2.42 12.23
N LYS B 131 -20.85 -2.64 13.00
CA LYS B 131 -21.14 -3.98 13.51
C LYS B 131 -21.53 -4.93 12.36
N GLY B 132 -22.41 -4.47 11.49
CA GLY B 132 -22.74 -5.23 10.29
C GLY B 132 -21.51 -5.43 9.41
N ASP B 133 -20.70 -4.38 9.28
CA ASP B 133 -19.53 -4.43 8.43
C ASP B 133 -18.63 -5.61 8.74
N TYR B 134 -18.25 -5.79 10.00
CA TYR B 134 -17.24 -6.79 10.39
C TYR B 134 -17.83 -8.16 10.52
N HIS B 135 -19.14 -8.22 10.69
CA HIS B 135 -19.88 -9.48 10.53
C HIS B 135 -19.85 -9.82 9.03
N ARG B 136 -19.86 -8.79 8.18
CA ARG B 136 -19.96 -9.01 6.74
C ARG B 136 -18.64 -9.57 6.20
N TYR B 137 -17.54 -9.11 6.81
CA TYR B 137 -16.20 -9.54 6.45
C TYR B 137 -16.02 -10.99 6.77
N LEU B 138 -16.57 -11.43 7.90
CA LEU B 138 -16.60 -12.84 8.23
C LEU B 138 -17.39 -13.63 7.19
N ALA B 139 -18.62 -13.18 6.91
CA ALA B 139 -19.49 -13.81 5.92
C ALA B 139 -18.82 -13.96 4.56
N GLU B 140 -17.90 -13.06 4.24
CA GLU B 140 -17.26 -13.06 2.95
C GLU B 140 -16.46 -14.33 2.75
N PHE B 141 -15.84 -14.81 3.83
CA PHE B 141 -14.97 -15.97 3.72
C PHE B 141 -15.40 -17.18 4.50
N LYS B 142 -16.15 -16.98 5.60
CA LYS B 142 -16.74 -18.09 6.39
C LYS B 142 -17.59 -19.06 5.52
N THR B 143 -17.85 -20.25 6.05
CA THR B 143 -18.58 -21.20 5.26
C THR B 143 -19.62 -22.03 6.03
N GLY B 144 -20.83 -22.07 5.50
CA GLY B 144 -21.88 -22.89 6.09
C GLY B 144 -22.41 -22.30 7.37
N ALA B 145 -22.31 -23.11 8.44
CA ALA B 145 -22.83 -22.77 9.77
C ALA B 145 -22.35 -21.39 10.28
N GLU B 146 -21.03 -21.18 10.28
CA GLU B 146 -20.45 -19.91 10.75
C GLU B 146 -20.82 -18.71 9.88
N ARG B 147 -21.15 -19.00 8.63
CA ARG B 147 -21.51 -18.01 7.66
C ARG B 147 -22.97 -17.61 7.86
N LYS B 148 -23.80 -18.60 8.21
CA LYS B 148 -25.19 -18.35 8.58
C LYS B 148 -25.26 -17.34 9.72
N GLU B 149 -24.57 -17.64 10.83
CA GLU B 149 -24.45 -16.72 11.97
C GLU B 149 -24.02 -15.32 11.54
N ALA B 150 -22.86 -15.24 10.88
CA ALA B 150 -22.38 -13.99 10.35
C ALA B 150 -23.44 -13.24 9.55
N ALA B 151 -24.03 -13.90 8.56
CA ALA B 151 -25.07 -13.28 7.73
C ALA B 151 -26.27 -12.82 8.56
N GLU B 152 -26.74 -13.67 9.49
CA GLU B 152 -27.77 -13.27 10.43
C GLU B 152 -27.33 -12.00 11.17
N SER B 153 -26.18 -12.05 11.82
CA SER B 153 -25.72 -10.92 12.60
C SER B 153 -25.68 -9.66 11.75
N THR B 154 -25.20 -9.79 10.53
CA THR B 154 -25.13 -8.69 9.60
C THR B 154 -26.53 -8.08 9.39
N LEU B 155 -27.50 -8.93 9.05
CA LEU B 155 -28.83 -8.43 8.73
C LEU B 155 -29.44 -7.68 9.91
N THR B 156 -29.32 -8.27 11.10
CA THR B 156 -29.81 -7.66 12.33
C THR B 156 -29.23 -6.25 12.50
N ALA B 157 -27.91 -6.11 12.36
CA ALA B 157 -27.27 -4.86 12.72
C ALA B 157 -27.55 -3.76 11.70
N TYR B 158 -27.49 -4.12 10.40
CA TYR B 158 -27.83 -3.18 9.33
C TYR B 158 -29.29 -2.72 9.43
N LYS B 159 -30.20 -3.68 9.60
CA LYS B 159 -31.64 -3.41 9.61
C LYS B 159 -32.06 -2.43 10.73
N ALA B 160 -31.32 -2.50 11.84
CA ALA B 160 -31.45 -1.62 12.99
C ALA B 160 -31.00 -0.22 12.60
N ALA B 161 -29.73 -0.15 12.19
CA ALA B 161 -29.09 1.06 11.74
C ALA B 161 -29.98 1.84 10.75
N GLN B 162 -30.58 1.09 9.82
CA GLN B 162 -31.42 1.67 8.78
C GLN B 162 -32.72 2.26 9.33
N ASP B 163 -33.40 1.57 10.24
CA ASP B 163 -34.61 2.16 10.77
C ASP B 163 -34.32 3.50 11.45
N ILE B 164 -33.26 3.54 12.25
CA ILE B 164 -32.83 4.74 12.95
C ILE B 164 -32.42 5.82 11.97
N ALA B 165 -31.65 5.44 10.94
CA ALA B 165 -31.24 6.39 9.91
C ALA B 165 -32.44 6.96 9.16
N THR B 166 -33.40 6.11 8.86
CA THR B 166 -34.55 6.52 8.05
C THR B 166 -35.39 7.53 8.82
N THR B 167 -35.43 7.38 10.14
CA THR B 167 -36.18 8.32 10.98
C THR B 167 -35.37 9.53 11.48
N GLU B 168 -34.06 9.40 11.69
CA GLU B 168 -33.28 10.48 12.33
C GLU B 168 -32.22 11.21 11.50
N LEU B 169 -31.69 10.58 10.46
CA LEU B 169 -30.66 11.22 9.65
C LEU B 169 -31.22 11.72 8.34
N ALA B 170 -30.70 12.85 7.84
CA ALA B 170 -31.08 13.31 6.49
C ALA B 170 -30.75 12.25 5.41
N PRO B 171 -31.59 12.10 4.36
CA PRO B 171 -31.25 11.12 3.31
C PRO B 171 -29.92 11.38 2.64
N THR B 172 -29.46 12.64 2.72
CA THR B 172 -28.16 13.07 2.14
C THR B 172 -26.95 12.84 3.05
N HIS B 173 -27.22 12.48 4.30
CA HIS B 173 -26.23 12.34 5.34
C HIS B 173 -25.32 11.21 4.97
N PRO B 174 -24.00 11.45 5.03
CA PRO B 174 -23.04 10.45 4.60
C PRO B 174 -23.11 9.17 5.41
N ILE B 175 -23.58 9.22 6.64
CA ILE B 175 -23.62 7.97 7.43
C ILE B 175 -24.78 7.10 6.95
N ARG B 176 -25.90 7.75 6.64
CA ARG B 176 -27.07 7.09 6.09
C ARG B 176 -26.76 6.48 4.73
N LEU B 177 -26.07 7.25 3.87
CA LEU B 177 -25.77 6.80 2.53
C LEU B 177 -24.82 5.62 2.57
N GLY B 178 -23.81 5.71 3.43
CA GLY B 178 -22.80 4.71 3.63
C GLY B 178 -23.44 3.39 3.98
N LEU B 179 -24.42 3.44 4.86
CA LEU B 179 -25.09 2.22 5.29
C LEU B 179 -25.78 1.64 4.07
N ALA B 180 -26.57 2.49 3.40
CA ALA B 180 -27.32 2.04 2.27
C ALA B 180 -26.39 1.33 1.33
N LEU B 181 -25.22 1.92 1.09
CA LEU B 181 -24.26 1.33 0.21
C LEU B 181 -23.85 -0.07 0.66
N ASN B 182 -23.38 -0.22 1.90
CA ASN B 182 -22.94 -1.52 2.40
C ASN B 182 -24.06 -2.57 2.52
N PHE B 183 -25.22 -2.17 3.04
CA PHE B 183 -26.34 -3.05 3.18
C PHE B 183 -26.64 -3.62 1.79
N SER B 184 -26.68 -2.76 0.76
CA SER B 184 -26.98 -3.23 -0.59
C SER B 184 -25.91 -4.14 -1.12
N VAL B 185 -24.65 -3.85 -0.79
CA VAL B 185 -23.57 -4.79 -1.10
C VAL B 185 -23.80 -6.14 -0.39
N PHE B 186 -24.18 -6.09 0.89
CA PHE B 186 -24.45 -7.31 1.65
C PHE B 186 -25.43 -8.22 0.88
N TYR B 187 -26.57 -7.67 0.47
CA TYR B 187 -27.58 -8.45 -0.24
C TYR B 187 -27.04 -8.97 -1.56
N TYR B 188 -26.17 -8.19 -2.20
CA TYR B 188 -25.63 -8.61 -3.47
C TYR B 188 -24.60 -9.68 -3.28
N GLU B 189 -23.60 -9.41 -2.47
CA GLU B 189 -22.46 -10.29 -2.42
C GLU B 189 -22.60 -11.48 -1.46
N ILE B 190 -23.32 -11.31 -0.37
CA ILE B 190 -23.46 -12.36 0.62
C ILE B 190 -24.78 -13.13 0.49
N LEU B 191 -25.88 -12.41 0.26
CA LEU B 191 -27.19 -13.07 0.13
C LEU B 191 -27.48 -13.46 -1.30
N ASN B 192 -26.73 -12.90 -2.23
CA ASN B 192 -26.94 -13.18 -3.63
C ASN B 192 -28.39 -12.89 -4.01
N SER B 193 -28.80 -11.64 -3.77
CA SER B 193 -30.14 -11.18 -4.11
C SER B 193 -29.98 -9.88 -4.88
N PRO B 194 -29.65 -9.95 -6.18
CA PRO B 194 -29.44 -8.71 -6.91
C PRO B 194 -30.64 -7.74 -6.91
N ASP B 195 -31.86 -8.22 -6.88
CA ASP B 195 -33.02 -7.33 -6.84
C ASP B 195 -33.20 -6.56 -5.54
N ARG B 196 -32.88 -7.18 -4.41
CA ARG B 196 -32.87 -6.45 -3.14
C ARG B 196 -31.73 -5.47 -3.06
N ALA B 197 -30.64 -5.81 -3.76
CA ALA B 197 -29.46 -4.98 -3.77
C ALA B 197 -29.76 -3.69 -4.52
N CYS B 198 -30.29 -3.84 -5.72
CA CYS B 198 -30.61 -2.70 -6.57
C CYS B 198 -31.72 -1.82 -6.00
N ASN B 199 -32.79 -2.45 -5.51
CA ASN B 199 -33.91 -1.75 -4.90
C ASN B 199 -33.43 -0.89 -3.75
N LEU B 200 -32.59 -1.47 -2.90
CA LEU B 200 -32.09 -0.76 -1.74
C LEU B 200 -31.22 0.42 -2.21
N ALA B 201 -30.30 0.14 -3.13
CA ALA B 201 -29.37 1.17 -3.62
C ALA B 201 -30.07 2.30 -4.33
N LYS B 202 -30.97 1.97 -5.25
CA LYS B 202 -31.65 2.97 -6.05
C LYS B 202 -32.45 3.88 -5.16
N GLN B 203 -33.09 3.28 -4.15
CA GLN B 203 -33.90 4.04 -3.23
C GLN B 203 -33.11 5.07 -2.46
N ALA B 204 -31.96 4.64 -1.93
CA ALA B 204 -31.13 5.48 -1.09
C ALA B 204 -30.57 6.59 -1.93
N PHE B 205 -30.23 6.24 -3.16
CA PHE B 205 -29.79 7.22 -4.13
C PHE B 205 -30.90 8.24 -4.38
N ASP B 206 -32.09 7.77 -4.74
CA ASP B 206 -33.19 8.66 -5.11
C ASP B 206 -33.68 9.58 -3.98
N GLU B 207 -33.64 9.10 -2.75
CA GLU B 207 -34.03 9.96 -1.63
C GLU B 207 -32.99 11.06 -1.48
N ALA B 208 -31.74 10.77 -1.76
CA ALA B 208 -30.67 11.75 -1.66
C ALA B 208 -30.91 12.88 -2.70
N ILE B 209 -31.24 12.47 -3.91
CA ILE B 209 -31.59 13.41 -4.97
C ILE B 209 -32.87 14.20 -4.67
N ALA B 210 -33.89 13.55 -4.14
CA ALA B 210 -35.11 14.26 -3.80
C ALA B 210 -34.84 15.36 -2.76
N GLU B 211 -33.71 15.28 -2.05
CA GLU B 211 -33.43 16.26 -0.99
C GLU B 211 -32.08 16.99 -1.11
N LEU B 212 -31.71 17.37 -2.33
CA LEU B 212 -30.47 18.12 -2.58
C LEU B 212 -30.40 19.43 -1.78
N ASP B 213 -31.56 19.94 -1.36
CA ASP B 213 -31.64 21.06 -0.44
CA ASP B 213 -31.66 21.08 -0.41
C ASP B 213 -30.83 20.80 0.85
N THR B 214 -30.68 19.54 1.22
CA THR B 214 -30.03 19.21 2.49
C THR B 214 -28.60 18.71 2.41
N LEU B 215 -27.95 18.85 1.26
CA LEU B 215 -26.50 18.70 1.23
C LEU B 215 -25.92 19.78 2.15
N GLY B 216 -24.79 19.50 2.80
CA GLY B 216 -24.32 20.37 3.88
C GLY B 216 -22.90 20.88 3.71
N GLU B 217 -22.67 22.13 4.13
CA GLU B 217 -21.37 22.83 3.99
C GLU B 217 -20.10 21.93 4.06
N GLU B 218 -20.00 21.10 5.09
CA GLU B 218 -18.92 20.11 5.17
C GLU B 218 -19.38 18.72 4.66
N SER B 219 -20.64 18.37 4.92
CA SER B 219 -21.15 17.08 4.52
C SER B 219 -21.01 16.76 3.02
N TYR B 220 -21.00 17.79 2.14
CA TYR B 220 -21.36 17.59 0.72
C TYR B 220 -20.44 16.75 -0.14
N LYS B 221 -19.14 16.76 0.16
CA LYS B 221 -18.18 15.97 -0.61
C LYS B 221 -18.25 14.50 -0.29
N ASP B 222 -18.42 14.16 1.00
CA ASP B 222 -18.58 12.78 1.40
C ASP B 222 -19.87 12.20 0.86
N SER B 223 -20.93 12.99 0.92
CA SER B 223 -22.20 12.40 0.59
C SER B 223 -22.25 12.28 -0.91
N THR B 224 -21.72 13.31 -1.57
CA THR B 224 -21.56 13.26 -3.00
C THR B 224 -20.74 12.04 -3.55
N LEU B 225 -19.64 11.66 -2.88
CA LEU B 225 -18.87 10.47 -3.27
C LEU B 225 -19.71 9.20 -3.12
N ILE B 226 -20.40 9.05 -1.99
CA ILE B 226 -21.13 7.81 -1.74
C ILE B 226 -22.29 7.65 -2.74
N MET B 227 -22.97 8.74 -3.00
CA MET B 227 -24.02 8.74 -3.98
C MET B 227 -23.52 8.17 -5.30
N GLN B 228 -22.40 8.66 -5.79
CA GLN B 228 -21.91 8.11 -7.02
C GLN B 228 -21.36 6.67 -6.88
N LEU B 229 -20.89 6.26 -5.71
CA LEU B 229 -20.56 4.85 -5.54
C LEU B 229 -21.80 3.95 -5.68
N LEU B 230 -22.94 4.35 -5.11
CA LEU B 230 -24.19 3.59 -5.30
C LEU B 230 -24.54 3.49 -6.80
N ARG B 231 -24.44 4.61 -7.51
CA ARG B 231 -24.67 4.63 -8.94
C ARG B 231 -23.69 3.71 -9.68
N ASP B 232 -22.47 3.63 -9.19
CA ASP B 232 -21.47 2.78 -9.82
C ASP B 232 -21.89 1.32 -9.69
N ASN B 233 -22.16 0.89 -8.46
CA ASN B 233 -22.69 -0.42 -8.19
C ASN B 233 -23.93 -0.73 -9.04
N LEU B 234 -24.91 0.16 -9.01
CA LEU B 234 -26.15 -0.03 -9.76
C LEU B 234 -25.85 -0.25 -11.22
N THR B 235 -24.97 0.59 -11.74
CA THR B 235 -24.63 0.56 -13.15
C THR B 235 -24.03 -0.79 -13.51
N LEU B 236 -23.17 -1.31 -12.63
CA LEU B 236 -22.56 -2.61 -12.83
C LEU B 236 -23.56 -3.74 -12.60
N TRP B 237 -24.42 -3.61 -11.60
CA TRP B 237 -25.38 -4.67 -11.27
C TRP B 237 -26.45 -4.83 -12.34
N THR B 238 -26.96 -3.72 -12.86
CA THR B 238 -27.97 -3.70 -13.93
C THR B 238 -27.52 -4.39 -15.22
N SER B 239 -26.32 -4.06 -15.70
CA SER B 239 -25.78 -4.72 -16.90
C SER B 239 -25.47 -6.24 -16.69
N ASP B 240 -26.14 -6.85 -15.71
CA ASP B 240 -26.07 -8.29 -15.32
C ASP B 240 -24.70 -8.82 -14.86
N THR C 1 -10.73 16.48 -35.94
CA THR C 1 -9.41 15.98 -35.42
C THR C 1 -9.04 14.53 -35.91
N ASN C 2 -7.91 14.43 -36.61
CA ASN C 2 -7.47 13.29 -37.41
C ASN C 2 -7.18 12.01 -36.62
N PHE C 3 -7.58 10.87 -37.19
CA PHE C 3 -7.45 9.56 -36.54
C PHE C 3 -5.99 9.18 -36.21
N ASN C 4 -5.12 9.30 -37.20
CA ASN C 4 -3.74 8.90 -37.07
C ASN C 4 -3.10 9.70 -35.96
N GLU C 5 -3.31 11.01 -36.00
CA GLU C 5 -2.91 11.89 -34.91
C GLU C 5 -3.48 11.52 -33.57
N LEU C 6 -4.78 11.25 -33.49
CA LEU C 6 -5.33 10.77 -32.19
C LEU C 6 -4.76 9.41 -31.77
N ASN C 7 -4.63 8.52 -32.74
CA ASN C 7 -4.09 7.24 -32.44
C ASN C 7 -2.65 7.35 -31.87
N GLN C 8 -1.80 8.18 -32.49
CA GLN C 8 -0.42 8.39 -31.99
C GLN C 8 -0.33 8.98 -30.60
N LEU C 9 -1.19 9.95 -30.31
CA LEU C 9 -1.30 10.50 -28.96
C LEU C 9 -1.65 9.41 -27.98
N ALA C 10 -2.60 8.54 -28.33
CA ALA C 10 -2.92 7.40 -27.47
C ALA C 10 -1.69 6.50 -27.24
N GLU C 11 -0.95 6.15 -28.30
CA GLU C 11 0.23 5.31 -28.14
C GLU C 11 1.33 5.93 -27.28
N GLU C 12 1.52 7.23 -27.42
CA GLU C 12 2.56 7.90 -26.66
C GLU C 12 2.14 7.93 -25.20
N ALA C 13 0.90 8.30 -24.93
CA ALA C 13 0.42 8.30 -23.54
C ALA C 13 0.52 6.90 -22.90
N LYS C 14 0.20 5.85 -23.67
CA LYS C 14 0.37 4.46 -23.23
C LYS C 14 1.83 4.07 -22.97
N ARG C 15 2.76 4.43 -23.87
CA ARG C 15 4.17 4.23 -23.58
C ARG C 15 4.62 4.88 -22.27
N ARG C 16 4.28 6.13 -22.06
CA ARG C 16 4.62 6.84 -20.82
C ARG C 16 3.87 6.30 -19.61
N ALA C 17 2.62 5.95 -19.76
CA ALA C 17 1.92 5.33 -18.64
C ALA C 17 2.72 4.09 -18.19
N GLU C 18 3.14 3.24 -19.14
CA GLU C 18 3.86 2.03 -18.81
C GLU C 18 5.18 2.30 -18.11
N ILE C 19 5.89 3.38 -18.47
CA ILE C 19 7.09 3.68 -17.70
C ILE C 19 6.67 4.18 -16.30
N ALA C 20 5.59 4.94 -16.22
CA ALA C 20 5.15 5.46 -14.94
C ALA C 20 4.77 4.30 -14.02
N ARG C 21 4.18 3.25 -14.60
CA ARG C 21 3.81 2.10 -13.82
C ARG C 21 5.06 1.41 -13.21
N GLN C 22 6.09 1.24 -14.01
CA GLN C 22 7.32 0.59 -13.55
C GLN C 22 7.99 1.40 -12.44
N ARG C 23 8.04 2.73 -12.58
CA ARG C 23 8.54 3.57 -11.51
C ARG C 23 7.75 3.40 -10.21
N GLU C 24 6.42 3.36 -10.29
CA GLU C 24 5.64 3.30 -9.07
C GLU C 24 5.81 1.92 -8.38
N LEU C 25 5.92 0.89 -9.21
CA LEU C 25 6.06 -0.47 -8.76
C LEU C 25 7.42 -0.70 -8.15
N HIS C 26 8.47 -0.11 -8.72
CA HIS C 26 9.84 -0.50 -8.38
C HIS C 26 10.71 0.53 -7.67
N THR C 27 10.24 1.76 -7.49
CA THR C 27 11.07 2.76 -6.85
C THR C 27 10.38 3.40 -5.65
N LEU C 28 11.17 3.58 -4.60
CA LEU C 28 10.76 4.35 -3.46
C LEU C 28 10.13 5.68 -3.89
N LYS C 29 10.84 6.46 -4.71
CA LYS C 29 10.31 7.75 -5.15
C LYS C 29 8.94 7.57 -5.88
N GLY C 30 8.84 6.64 -6.83
CA GLY C 30 7.53 6.41 -7.50
C GLY C 30 6.47 6.10 -6.46
N HIS C 31 6.83 5.28 -5.48
CA HIS C 31 5.81 4.78 -4.57
C HIS C 31 5.41 5.95 -3.69
N VAL C 32 6.39 6.69 -3.21
CA VAL C 32 6.10 7.73 -2.23
C VAL C 32 5.25 8.83 -2.84
N GLU C 33 5.63 9.26 -4.03
CA GLU C 33 4.88 10.26 -4.77
C GLU C 33 3.46 9.85 -5.05
N SER C 34 3.21 8.57 -5.32
CA SER C 34 1.82 8.17 -5.55
C SER C 34 1.03 8.14 -4.26
N VAL C 35 1.68 7.79 -3.16
CA VAL C 35 0.97 7.77 -1.90
C VAL C 35 0.55 9.18 -1.56
N VAL C 36 1.46 10.15 -1.74
CA VAL C 36 1.01 11.52 -1.48
C VAL C 36 -0.06 11.98 -2.47
N LYS C 37 -0.06 11.46 -3.68
CA LYS C 37 -1.09 11.90 -4.58
C LYS C 37 -2.42 11.33 -4.16
N LEU C 38 -2.43 10.03 -3.88
CA LEU C 38 -3.63 9.30 -3.53
C LEU C 38 -4.30 9.91 -2.28
N LYS C 39 -3.49 10.17 -1.27
CA LYS C 39 -4.01 10.64 -0.01
C LYS C 39 -4.33 12.10 -0.13
N GLY C 40 -3.65 12.79 -1.06
CA GLY C 40 -3.79 14.20 -1.24
C GLY C 40 -3.21 14.90 -0.04
N LEU C 41 -2.00 14.50 0.34
CA LEU C 41 -1.40 15.01 1.57
C LEU C 41 -0.98 16.44 1.41
N ASP C 42 -1.47 17.29 2.30
CA ASP C 42 -1.04 18.67 2.32
C ASP C 42 0.39 18.84 2.90
N ILE C 43 1.37 18.51 2.07
CA ILE C 43 2.79 18.60 2.35
C ILE C 43 3.50 19.17 1.11
N GLU C 44 4.69 19.73 1.28
CA GLU C 44 5.42 20.30 0.16
C GLU C 44 6.33 19.24 -0.41
N THR C 45 6.52 19.24 -1.73
CA THR C 45 7.18 18.12 -2.44
C THR C 45 8.47 17.66 -1.75
N ILE C 46 8.55 16.36 -1.55
CA ILE C 46 9.71 15.76 -0.96
C ILE C 46 10.78 15.61 -2.05
N GLN C 47 12.00 16.00 -1.71
CA GLN C 47 13.14 15.84 -2.62
C GLN C 47 13.61 14.38 -2.65
N GLN C 48 13.58 13.78 -3.84
CA GLN C 48 13.91 12.36 -3.99
C GLN C 48 14.56 12.09 -5.34
N SER C 49 15.44 11.09 -5.35
CA SER C 49 15.94 10.52 -6.58
C SER C 49 15.43 9.09 -6.71
N TYR C 50 15.56 8.52 -7.91
CA TYR C 50 15.19 7.12 -8.12
C TYR C 50 16.31 6.16 -7.74
N ASP C 51 15.99 5.21 -6.87
CA ASP C 51 16.86 4.06 -6.60
C ASP C 51 16.09 2.77 -6.82
N ILE C 52 16.83 1.68 -6.93
CA ILE C 52 16.26 0.38 -7.29
C ILE C 52 16.80 -0.70 -6.33
N PHE D 3 -4.31 21.63 -29.48
CA PHE D 3 -4.28 22.66 -28.39
C PHE D 3 -5.65 22.83 -27.71
N ASN D 4 -6.65 23.19 -28.52
CA ASN D 4 -8.05 23.31 -28.08
C ASN D 4 -8.65 21.95 -27.70
N GLU D 5 -8.73 21.02 -28.67
CA GLU D 5 -9.27 19.67 -28.42
C GLU D 5 -8.39 18.89 -27.48
N LEU D 6 -7.09 19.16 -27.51
CA LEU D 6 -6.13 18.47 -26.63
C LEU D 6 -6.26 18.83 -25.15
N ASN D 7 -6.50 20.10 -24.82
CA ASN D 7 -6.69 20.41 -23.39
C ASN D 7 -8.03 19.92 -22.87
N GLN D 8 -9.05 19.93 -23.74
CA GLN D 8 -10.34 19.38 -23.41
C GLN D 8 -10.16 17.89 -23.18
N LEU D 9 -9.30 17.30 -23.99
CA LEU D 9 -8.89 15.91 -23.82
C LEU D 9 -8.29 15.65 -22.45
N ALA D 10 -7.32 16.47 -22.05
CA ALA D 10 -6.60 16.28 -20.79
C ALA D 10 -7.50 16.47 -19.56
N GLU D 11 -8.47 17.37 -19.69
CA GLU D 11 -9.40 17.69 -18.63
C GLU D 11 -10.28 16.53 -18.34
N GLU D 12 -10.75 15.88 -19.40
CA GLU D 12 -11.56 14.71 -19.22
C GLU D 12 -10.75 13.63 -18.53
N ALA D 13 -9.49 13.49 -18.95
CA ALA D 13 -8.58 12.50 -18.35
C ALA D 13 -8.42 12.83 -16.88
N LYS D 14 -8.22 14.11 -16.57
CA LYS D 14 -7.91 14.50 -15.22
C LYS D 14 -9.08 14.13 -14.28
N ARG D 15 -10.29 14.43 -14.73
CA ARG D 15 -11.48 14.13 -14.02
C ARG D 15 -11.68 12.62 -13.81
N ARG D 16 -11.35 11.83 -14.83
CA ARG D 16 -11.50 10.42 -14.63
C ARG D 16 -10.44 9.92 -13.66
N ALA D 17 -9.23 10.47 -13.77
CA ALA D 17 -8.21 10.19 -12.79
C ALA D 17 -8.75 10.48 -11.39
N GLU D 18 -9.44 11.60 -11.24
CA GLU D 18 -9.85 11.97 -9.94
C GLU D 18 -10.90 10.98 -9.41
N ILE D 19 -11.78 10.51 -10.29
CA ILE D 19 -12.75 9.46 -9.94
C ILE D 19 -12.04 8.18 -9.54
N ALA D 20 -11.05 7.75 -10.30
CA ALA D 20 -10.26 6.58 -9.95
C ALA D 20 -9.58 6.80 -8.60
N ARG D 21 -9.05 8.00 -8.38
CA ARG D 21 -8.28 8.22 -7.17
C ARG D 21 -9.18 8.02 -5.95
N GLN D 22 -10.44 8.43 -6.03
CA GLN D 22 -11.21 8.40 -4.82
C GLN D 22 -11.58 6.96 -4.47
N ARG D 23 -11.85 6.18 -5.52
CA ARG D 23 -12.18 4.78 -5.39
C ARG D 23 -11.00 3.99 -4.83
N GLU D 24 -9.79 4.37 -5.21
CA GLU D 24 -8.61 3.71 -4.75
C GLU D 24 -8.35 4.08 -3.26
N LEU D 25 -8.78 5.25 -2.84
CA LEU D 25 -8.45 5.75 -1.50
C LEU D 25 -9.38 5.18 -0.46
N HIS D 26 -10.67 5.06 -0.81
CA HIS D 26 -11.71 4.78 0.15
C HIS D 26 -12.42 3.44 -0.07
N THR D 27 -12.16 2.75 -1.18
CA THR D 27 -12.81 1.44 -1.32
C THR D 27 -11.88 0.25 -1.50
N LEU D 28 -12.26 -0.89 -0.93
CA LEU D 28 -11.56 -2.12 -1.25
C LEU D 28 -11.42 -2.46 -2.75
N LYS D 29 -12.48 -2.25 -3.56
CA LYS D 29 -12.47 -2.54 -4.99
C LYS D 29 -11.40 -1.76 -5.71
N GLY D 30 -11.36 -0.45 -5.45
CA GLY D 30 -10.46 0.45 -6.10
C GLY D 30 -9.06 0.03 -5.73
N HIS D 31 -8.88 -0.22 -4.44
CA HIS D 31 -7.54 -0.61 -4.00
C HIS D 31 -7.08 -1.88 -4.68
N VAL D 32 -7.95 -2.89 -4.70
CA VAL D 32 -7.59 -4.18 -5.31
C VAL D 32 -7.27 -3.99 -6.77
N GLU D 33 -8.11 -3.23 -7.48
CA GLU D 33 -7.88 -2.99 -8.88
C GLU D 33 -6.56 -2.32 -9.23
N SER D 34 -6.17 -1.29 -8.45
CA SER D 34 -4.87 -0.64 -8.63
C SER D 34 -3.75 -1.64 -8.51
N VAL D 35 -3.85 -2.45 -7.44
CA VAL D 35 -2.79 -3.37 -7.12
C VAL D 35 -2.65 -4.33 -8.30
N VAL D 36 -3.77 -4.84 -8.84
CA VAL D 36 -3.75 -5.80 -9.95
C VAL D 36 -3.16 -5.11 -11.20
N LYS D 37 -3.60 -3.89 -11.47
CA LYS D 37 -3.02 -3.16 -12.60
C LYS D 37 -1.52 -2.88 -12.42
N LEU D 38 -1.16 -2.34 -11.25
CA LEU D 38 0.22 -1.95 -10.92
C LEU D 38 1.11 -3.14 -11.05
N LYS D 39 0.76 -4.22 -10.37
CA LYS D 39 1.64 -5.41 -10.41
C LYS D 39 1.65 -6.11 -11.77
N GLY D 40 0.61 -5.90 -12.57
CA GLY D 40 0.47 -6.58 -13.83
C GLY D 40 0.19 -8.06 -13.68
N LEU D 41 -0.63 -8.41 -12.68
CA LEU D 41 -0.98 -9.77 -12.39
C LEU D 41 -1.85 -10.33 -13.48
N ASP D 42 -1.43 -11.45 -14.05
CA ASP D 42 -2.23 -12.15 -15.05
C ASP D 42 -3.18 -13.10 -14.31
N ILE D 43 -4.36 -12.56 -14.08
CA ILE D 43 -5.30 -13.05 -13.11
C ILE D 43 -6.63 -12.68 -13.71
N GLU D 44 -7.66 -13.51 -13.49
CA GLU D 44 -9.01 -13.24 -13.97
C GLU D 44 -9.60 -12.05 -13.20
N THR D 45 -10.32 -11.16 -13.89
CA THR D 45 -11.01 -10.02 -13.21
C THR D 45 -11.90 -10.56 -12.06
N ILE D 46 -11.75 -9.94 -10.89
CA ILE D 46 -12.47 -10.33 -9.68
C ILE D 46 -13.86 -9.67 -9.66
N GLN D 47 -14.91 -10.37 -9.24
CA GLN D 47 -16.19 -9.68 -9.09
C GLN D 47 -16.24 -8.78 -7.84
N GLN D 48 -16.27 -7.46 -8.07
CA GLN D 48 -16.28 -6.50 -6.96
C GLN D 48 -17.37 -5.43 -6.98
N SER D 49 -17.80 -4.99 -5.80
CA SER D 49 -18.68 -3.81 -5.69
C SER D 49 -18.04 -2.80 -4.76
N TYR D 50 -18.57 -1.58 -4.70
CA TYR D 50 -17.97 -0.54 -3.85
C TYR D 50 -18.60 -0.55 -2.49
N ASP D 51 -17.77 -0.66 -1.46
CA ASP D 51 -18.22 -0.41 -0.07
C ASP D 51 -17.31 0.62 0.62
N ILE D 52 -17.75 1.22 1.72
CA ILE D 52 -16.92 2.14 2.52
C ILE D 52 -17.04 1.82 4.02
S SO4 E . 30.62 17.69 -5.97
O1 SO4 E . 30.48 17.80 -4.50
O2 SO4 E . 29.47 18.44 -6.49
O3 SO4 E . 31.84 18.33 -6.45
O4 SO4 E . 30.67 16.32 -6.46
C1 FSC F . 15.03 -6.49 -10.64
C4 FSC F . 14.28 -5.44 -11.04
C11 FSC F . 14.08 -4.98 -12.46
C18 FSC F . 14.74 -3.61 -12.67
C17 FSC F . 12.61 -4.91 -12.86
O24 FSC F . 12.53 -4.88 -14.30
C31 FSC F . 11.30 -4.57 -15.01
O37 FSC F . 10.29 -4.42 -14.34
C36 FSC F . 11.32 -4.44 -16.50
C10 FSC F . 13.65 -4.69 -9.87
C6 FSC F . 13.84 -5.74 -8.77
O13 FSC F . 13.98 -5.22 -7.46
C2 FSC F . 15.06 -6.57 -9.14
C7 FSC F . 14.81 -7.98 -8.66
C5 FSC F . 16.30 -5.97 -8.50
C12 FSC F . 17.47 -5.48 -9.03
C20 FSC F . 18.58 -4.97 -8.16
C27 FSC F . 19.16 -5.98 -7.18
O32 FSC F . 20.06 -5.38 -6.22
C38 FSC F . 20.68 -6.34 -5.37
C26 FSC F . 19.68 -4.50 -9.13
C25 FSC F . 19.01 -4.38 -10.48
C19 FSC F . 17.80 -5.32 -10.49
C15 FSC F . 18.10 -6.62 -11.28
C23 FSC F . 18.51 -7.85 -10.45
C9 FSC F . 16.95 -6.99 -12.20
O16 FSC F . 17.42 -7.98 -13.11
C3 FSC F . 15.73 -7.55 -11.48
O8 FSC F . 14.85 -8.11 -12.46
C14 FSC F . 14.37 -9.48 -12.34
O22 FSC F . 13.34 -9.65 -11.34
C30 FSC F . 12.17 -8.84 -11.49
C33 FSC F . 11.49 -9.08 -12.83
O39 FSC F . 10.46 -8.08 -13.01
C28 FSC F . 12.48 -9.06 -14.00
O34 FSC F . 11.80 -9.61 -15.12
C40 FSC F . 12.26 -9.39 -16.51
O43 FSC F . 11.91 -8.37 -17.10
C42 FSC F . 13.12 -10.45 -17.19
C21 FSC F . 13.74 -9.88 -13.69
O29 FSC F . 14.68 -9.64 -14.73
C35 FSC F . 11.21 -9.15 -10.36
O41 FSC F . 11.09 -10.57 -10.26
C44 FSC F . 10.53 -11.16 -9.05
C47 FSC F . 10.79 -10.36 -7.79
C46 FSC F . 11.14 -12.56 -8.90
C45 FSC F . 9.02 -11.32 -9.17
C48 FSC F . 8.19 -10.30 -9.01
S SO4 G . -33.78 -11.26 -5.09
O1 SO4 G . -33.66 -11.91 -3.80
O2 SO4 G . -35.21 -11.08 -5.37
O3 SO4 G . -33.15 -9.94 -5.09
O4 SO4 G . -33.16 -12.12 -6.10
C1 FSC H . -15.65 8.89 5.74
C4 FSC H . -15.44 8.74 4.43
C11 FSC H . -15.92 9.72 3.39
C18 FSC H . -17.09 9.16 2.57
C17 FSC H . -14.74 10.16 2.54
O24 FSC H . -15.27 11.13 1.64
C31 FSC H . -14.42 12.09 1.01
O37 FSC H . -13.29 12.22 1.45
C36 FSC H . -14.97 12.86 -0.15
C10 FSC H . -14.71 7.48 4.09
C6 FSC H . -14.20 7.08 5.48
O13 FSC H . -14.02 5.65 5.61
C2 FSC H . -15.13 7.74 6.52
C7 FSC H . -14.36 8.23 7.72
C5 FSC H . -16.18 6.68 6.87
C12 FSC H . -17.51 6.61 6.69
C20 FSC H . -18.22 5.36 7.10
C27 FSC H . -18.21 5.03 8.58
O32 FSC H . -18.76 3.72 8.73
C38 FSC H . -18.75 3.32 10.09
C26 FSC H . -19.65 5.51 6.60
C25 FSC H . -19.77 6.91 6.02
C19 FSC H . -18.42 7.60 6.02
C15 FSC H . -18.60 8.95 6.75
C23 FSC H . -18.48 8.90 8.28
C9 FSC H . -17.75 10.07 6.14
O16 FSC H . -18.27 11.26 6.70
C3 FSC H . -16.26 10.08 6.43
O8 FSC H . -15.64 11.32 6.01
C14 FSC H . -14.82 12.08 6.96
O22 FSC H . -13.61 11.40 7.32
C30 FSC H . -12.63 11.22 6.28
C33 FSC H . -12.21 12.54 5.64
O39 FSC H . -11.34 12.35 4.51
C28 FSC H . -13.43 13.31 5.21
O34 FSC H . -12.95 14.57 4.74
C40 FSC H . -13.63 15.12 3.57
O43 FSC H . -14.80 15.50 3.68
C42 FSC H . -12.89 15.26 2.24
C21 FSC H . -14.35 13.46 6.44
O29 FSC H . -15.41 14.40 6.19
C35 FSC H . -11.43 10.49 6.87
O41 FSC H . -10.46 11.38 7.45
C44 FSC H . -9.14 10.82 7.64
C47 FSC H . -9.21 9.61 8.54
C46 FSC H . -8.21 11.84 8.31
C45 FSC H . -8.46 10.48 6.32
C48 FSC H . -8.67 9.33 5.69
#